data_8SV2
#
_entry.id   8SV2
#
_cell.length_a   67.598
_cell.length_b   66.401
_cell.length_c   96.383
_cell.angle_alpha   90.000
_cell.angle_beta   90.000
_cell.angle_gamma   90.000
#
_symmetry.space_group_name_H-M   'P 21 21 21'
#
loop_
_entity.id
_entity.type
_entity.pdbx_description
1 polymer Alpha-2,3/2,6-sialyltransferase/sialidase
2 non-polymer "CYTIDINE-5'-MONOPHOSPHATE"
3 non-polymer 2-AMINO-2-HYDROXYMETHYL-PROPANE-1,3-DIOL
4 non-polymer 'TRIETHYLENE GLYCOL'
5 water water
#
_entity_poly.entity_id   1
_entity_poly.type   'polypeptide(L)'
_entity_poly.pdbx_seq_one_letter_code
;MKTITLYLDPASLPALNQLMDFTQNNEDKTHPRIFGLSRFKIPDNIITQYQNIHFVELKDNRPTEALFTILDQYPGNIEL
NIHLNIAHSVQLIRPILAYRFKHLDRVSIQQLNLYDNGSMEYVDLEKEENKDISAEIKQAEKQLSHYLLTGKIKFDNPTI
ARYVWQSAFPVKYHFLSTDYFEKAEFLQPLKEYLAENYQKMDWTAYQQLTPEQQAFYLTLVGFNDEVKQSLEVQQAKFIF
TGTTTWEGNTDVREYYAQQQLNLLNHFTQAEGDLFIGDHYKIYFKGHPRGGEINDYILNNAKNITNIPANISFEVLMMTG
LLPDKVGGVASSLYFSLPKEKISHIIFTSNKQVKSKEDALNNPYVKVMRRLGIIDESQVIFWDSLKQL
;
_entity_poly.pdbx_strand_id   A
#
loop_
_chem_comp.id
_chem_comp.type
_chem_comp.name
_chem_comp.formula
C5P non-polymer CYTIDINE-5'-MONOPHOSPHATE 'C9 H14 N3 O8 P'
PGE non-polymer 'TRIETHYLENE GLYCOL' 'C6 H14 O4'
TRS non-polymer 2-AMINO-2-HYDROXYMETHYL-PROPANE-1,3-DIOL 'C4 H12 N O3 1'
#
# COMPACT_ATOMS: atom_id res chain seq x y z
N MET A 1 -2.07 -32.46 -4.11
CA MET A 1 -3.16 -31.55 -4.33
C MET A 1 -2.82 -30.51 -5.37
N LYS A 2 -3.84 -29.96 -6.02
CA LYS A 2 -3.62 -28.90 -6.99
C LYS A 2 -3.63 -27.58 -6.29
N THR A 3 -2.64 -26.78 -6.57
CA THR A 3 -2.52 -25.50 -5.94
C THR A 3 -3.16 -24.40 -6.75
N ILE A 4 -3.93 -23.57 -6.08
CA ILE A 4 -4.54 -22.42 -6.72
C ILE A 4 -4.02 -21.18 -5.99
N THR A 5 -3.46 -20.25 -6.75
CA THR A 5 -2.91 -19.04 -6.15
C THR A 5 -3.92 -17.91 -6.25
N LEU A 6 -4.17 -17.25 -5.12
CA LEU A 6 -5.11 -16.13 -5.05
C LEU A 6 -4.35 -14.88 -4.69
N TYR A 7 -4.53 -13.84 -5.50
CA TYR A 7 -3.88 -12.54 -5.35
C TYR A 7 -4.97 -11.54 -5.01
N LEU A 8 -5.08 -11.20 -3.73
CA LEU A 8 -6.15 -10.31 -3.29
C LEU A 8 -5.65 -9.01 -2.66
N ASP A 9 -6.17 -7.90 -3.17
CA ASP A 9 -5.82 -6.59 -2.64
C ASP A 9 -6.73 -5.48 -3.13
N PRO A 10 -7.37 -4.79 -2.21
CA PRO A 10 -8.20 -3.65 -2.58
C PRO A 10 -7.36 -2.40 -2.79
N ALA A 11 -6.11 -2.44 -2.36
CA ALA A 11 -5.26 -1.26 -2.42
C ALA A 11 -4.15 -1.26 -3.50
N SER A 12 -2.96 -0.82 -3.15
CA SER A 12 -1.88 -0.71 -4.12
C SER A 12 -0.58 -1.47 -3.79
N LEU A 13 -0.03 -1.28 -2.61
CA LEU A 13 1.25 -1.89 -2.28
C LEU A 13 1.25 -3.43 -2.31
N PRO A 14 0.29 -4.03 -1.64
CA PRO A 14 0.23 -5.48 -1.73
C PRO A 14 0.13 -5.94 -3.20
N ALA A 15 -0.74 -5.30 -3.97
CA ALA A 15 -0.91 -5.66 -5.38
C ALA A 15 0.40 -5.56 -6.16
N LEU A 16 1.17 -4.54 -5.88
CA LEU A 16 2.46 -4.36 -6.52
C LEU A 16 3.36 -5.54 -6.24
N ASN A 17 3.38 -6.00 -4.99
CA ASN A 17 4.19 -7.16 -4.65
C ASN A 17 3.60 -8.45 -5.22
N GLN A 18 2.27 -8.54 -5.27
CA GLN A 18 1.63 -9.73 -5.79
C GLN A 18 1.84 -9.84 -7.30
N LEU A 19 1.82 -8.71 -8.00
CA LEU A 19 2.10 -8.70 -9.43
C LEU A 19 3.56 -9.02 -9.71
N MET A 20 4.45 -8.74 -8.75
CA MET A 20 5.84 -9.21 -8.88
C MET A 20 5.91 -10.72 -8.76
N ASP A 21 5.20 -11.29 -7.77
CA ASP A 21 5.16 -12.73 -7.63
C ASP A 21 4.65 -13.39 -8.91
N PHE A 22 3.58 -12.84 -9.50
CA PHE A 22 3.08 -13.37 -10.76
C PHE A 22 4.15 -13.28 -11.85
N THR A 23 4.82 -12.14 -11.94
CA THR A 23 5.86 -11.98 -12.96
C THR A 23 6.97 -13.02 -12.78
N GLN A 24 7.42 -13.22 -11.54
CA GLN A 24 8.46 -14.21 -11.28
C GLN A 24 8.03 -15.61 -11.71
N ASN A 25 6.73 -15.90 -11.66
CA ASN A 25 6.20 -17.21 -12.02
C ASN A 25 5.52 -17.20 -13.38
N ASN A 26 5.81 -16.23 -14.23
CA ASN A 26 5.02 -16.04 -15.45
C ASN A 26 5.38 -17.02 -16.56
N GLU A 27 6.39 -17.88 -16.37
CA GLU A 27 6.66 -18.93 -17.34
C GLU A 27 5.68 -20.08 -17.24
N ASP A 28 5.01 -20.24 -16.10
CA ASP A 28 3.98 -21.26 -15.92
C ASP A 28 2.67 -20.69 -16.43
N LYS A 29 2.26 -21.13 -17.61
CA LYS A 29 1.11 -20.54 -18.30
C LYS A 29 -0.23 -21.15 -17.88
N THR A 30 -0.23 -22.23 -17.07
CA THR A 30 -1.46 -22.93 -16.72
C THR A 30 -1.72 -23.04 -15.23
N HIS A 31 -0.84 -22.54 -14.38
CA HIS A 31 -1.09 -22.55 -12.95
C HIS A 31 -2.39 -21.80 -12.64
N PRO A 32 -3.33 -22.40 -11.92
CA PRO A 32 -4.59 -21.69 -11.62
C PRO A 32 -4.35 -20.45 -10.78
N ARG A 33 -4.89 -19.32 -11.25
CA ARG A 33 -4.68 -18.03 -10.61
C ARG A 33 -6.02 -17.29 -10.54
N ILE A 34 -6.24 -16.65 -9.41
CA ILE A 34 -7.41 -15.82 -9.26
C ILE A 34 -6.96 -14.44 -8.81
N PHE A 35 -7.22 -13.45 -9.64
CA PHE A 35 -6.82 -12.09 -9.34
C PHE A 35 -7.97 -11.24 -8.81
N GLY A 36 -7.83 -10.73 -7.60
CA GLY A 36 -8.79 -9.83 -7.01
C GLY A 36 -8.08 -8.54 -6.64
N LEU A 37 -7.60 -7.83 -7.64
CA LEU A 37 -6.86 -6.59 -7.44
C LEU A 37 -7.68 -5.42 -7.94
N SER A 38 -8.33 -4.72 -7.05
CA SER A 38 -9.25 -3.68 -7.44
C SER A 38 -8.60 -2.51 -8.22
N ARG A 39 -7.33 -2.23 -7.96
CA ARG A 39 -6.69 -1.08 -8.59
C ARG A 39 -5.82 -1.44 -9.80
N PHE A 40 -5.82 -2.70 -10.20
CA PHE A 40 -4.99 -3.12 -11.31
C PHE A 40 -5.72 -3.97 -12.34
N LYS A 41 -5.51 -3.67 -13.60
CA LYS A 41 -6.13 -4.42 -14.68
C LYS A 41 -5.03 -5.12 -15.47
N ILE A 42 -5.11 -6.45 -15.56
CA ILE A 42 -4.17 -7.21 -16.39
C ILE A 42 -4.57 -6.98 -17.84
N PRO A 43 -3.68 -6.42 -18.67
CA PRO A 43 -4.02 -6.22 -20.08
C PRO A 43 -4.40 -7.52 -20.76
N ASP A 44 -5.43 -7.46 -21.61
CA ASP A 44 -5.90 -8.65 -22.30
C ASP A 44 -4.80 -9.31 -23.11
N ASN A 45 -3.81 -8.54 -23.59
CA ASN A 45 -2.70 -9.11 -24.32
C ASN A 45 -1.85 -10.03 -23.45
N ILE A 46 -1.95 -9.90 -22.12
CA ILE A 46 -1.31 -10.86 -21.23
C ILE A 46 -2.27 -11.97 -20.84
N ILE A 47 -3.53 -11.63 -20.55
CA ILE A 47 -4.52 -12.63 -20.16
C ILE A 47 -4.57 -13.76 -21.20
N THR A 48 -4.56 -13.40 -22.48
CA THR A 48 -4.73 -14.39 -23.53
C THR A 48 -3.59 -15.40 -23.56
N GLN A 49 -2.45 -15.09 -22.95
CA GLN A 49 -1.32 -16.01 -22.94
C GLN A 49 -1.43 -17.08 -21.86
N TYR A 50 -2.40 -16.99 -20.96
CA TYR A 50 -2.49 -17.87 -19.81
C TYR A 50 -3.80 -18.65 -19.82
N GLN A 51 -3.75 -19.86 -19.31
CA GLN A 51 -4.92 -20.68 -19.04
C GLN A 51 -5.17 -20.70 -17.54
N ASN A 52 -6.41 -21.03 -17.18
CA ASN A 52 -6.79 -21.16 -15.77
C ASN A 52 -6.53 -19.87 -15.00
N ILE A 53 -6.74 -18.74 -15.67
CA ILE A 53 -6.58 -17.42 -15.08
C ILE A 53 -7.97 -16.83 -14.88
N HIS A 54 -8.23 -16.34 -13.67
CA HIS A 54 -9.56 -15.90 -13.30
C HIS A 54 -9.47 -14.56 -12.58
N PHE A 55 -10.60 -13.86 -12.56
CA PHE A 55 -10.68 -12.53 -11.96
C PHE A 55 -11.95 -12.44 -11.13
N VAL A 56 -11.82 -11.85 -9.94
CA VAL A 56 -12.93 -11.74 -9.01
C VAL A 56 -12.97 -10.31 -8.48
N GLU A 57 -14.18 -9.76 -8.42
CA GLU A 57 -14.40 -8.44 -7.86
C GLU A 57 -14.28 -8.48 -6.34
N LEU A 58 -13.74 -7.41 -5.77
CA LEU A 58 -13.77 -7.18 -4.34
C LEU A 58 -14.89 -6.19 -4.04
N LYS A 59 -15.58 -6.41 -2.92
CA LYS A 59 -16.61 -5.49 -2.45
C LYS A 59 -16.56 -5.52 -0.93
N ASP A 60 -16.44 -4.35 -0.31
CA ASP A 60 -16.29 -4.25 1.14
C ASP A 60 -15.10 -5.07 1.62
N ASN A 61 -14.01 -5.02 0.84
CA ASN A 61 -12.72 -5.61 1.19
C ASN A 61 -12.76 -7.12 1.28
N ARG A 62 -13.61 -7.75 0.48
CA ARG A 62 -13.62 -9.21 0.40
C ARG A 62 -14.06 -9.61 -1.00
N PRO A 63 -13.57 -10.75 -1.49
CA PRO A 63 -14.09 -11.27 -2.77
C PRO A 63 -15.59 -11.47 -2.67
N THR A 64 -16.27 -11.24 -3.79
CA THR A 64 -17.69 -11.53 -3.84
C THR A 64 -17.92 -13.04 -4.02
N GLU A 65 -19.18 -13.44 -3.88
CA GLU A 65 -19.56 -14.83 -4.04
C GLU A 65 -19.18 -15.37 -5.41
N ALA A 66 -18.87 -14.51 -6.38
CA ALA A 66 -18.35 -14.96 -7.66
C ALA A 66 -17.12 -15.83 -7.49
N LEU A 67 -16.42 -15.73 -6.35
CA LEU A 67 -15.28 -16.59 -6.09
C LEU A 67 -15.69 -18.06 -6.08
N PHE A 68 -16.89 -18.35 -5.55
CA PHE A 68 -17.33 -19.73 -5.45
C PHE A 68 -17.53 -20.36 -6.82
N THR A 69 -18.07 -19.58 -7.76
CA THR A 69 -18.21 -20.05 -9.13
C THR A 69 -16.86 -20.43 -9.71
N ILE A 70 -15.83 -19.65 -9.43
CA ILE A 70 -14.49 -19.97 -9.93
C ILE A 70 -14.00 -21.26 -9.29
N LEU A 71 -14.05 -21.35 -7.96
CA LEU A 71 -13.47 -22.52 -7.29
C LEU A 71 -14.23 -23.79 -7.63
N ASP A 72 -15.54 -23.70 -7.89
CA ASP A 72 -16.30 -24.89 -8.28
C ASP A 72 -15.77 -25.51 -9.57
N GLN A 73 -15.04 -24.74 -10.39
CA GLN A 73 -14.47 -25.29 -11.62
C GLN A 73 -13.30 -26.23 -11.35
N TYR A 74 -12.82 -26.32 -10.11
CA TYR A 74 -11.68 -27.15 -9.73
C TYR A 74 -12.19 -28.21 -8.76
N PRO A 75 -12.77 -29.31 -9.26
CA PRO A 75 -13.51 -30.23 -8.40
C PRO A 75 -12.66 -31.20 -7.62
N GLY A 76 -11.35 -31.24 -7.85
CA GLY A 76 -10.49 -32.13 -7.11
C GLY A 76 -10.07 -31.52 -5.79
N ASN A 77 -9.08 -32.14 -5.17
CA ASN A 77 -8.52 -31.60 -3.97
C ASN A 77 -7.73 -30.37 -4.36
N ILE A 78 -7.93 -29.28 -3.64
CA ILE A 78 -7.25 -28.06 -3.95
C ILE A 78 -6.60 -27.40 -2.73
N GLU A 79 -5.37 -26.95 -2.89
CA GLU A 79 -4.69 -26.22 -1.83
C GLU A 79 -4.56 -24.76 -2.25
N LEU A 80 -4.89 -23.87 -1.34
CA LEU A 80 -4.90 -22.48 -1.67
C LEU A 80 -3.67 -21.70 -1.22
N ASN A 81 -3.00 -21.06 -2.17
CA ASN A 81 -1.81 -20.24 -1.90
C ASN A 81 -2.38 -18.84 -1.94
N ILE A 82 -2.51 -18.18 -0.81
CA ILE A 82 -3.28 -16.94 -0.72
C ILE A 82 -2.36 -15.77 -0.39
N HIS A 83 -2.44 -14.72 -1.21
CA HIS A 83 -1.70 -13.48 -0.99
C HIS A 83 -2.70 -12.40 -0.55
N LEU A 84 -2.38 -11.72 0.55
CA LEU A 84 -3.34 -10.84 1.20
C LEU A 84 -2.72 -9.51 1.59
N ASN A 85 -3.61 -8.52 1.71
CA ASN A 85 -3.35 -7.25 2.38
C ASN A 85 -3.46 -7.46 3.89
N ILE A 86 -2.41 -7.07 4.62
CA ILE A 86 -2.39 -7.31 6.07
C ILE A 86 -3.58 -6.65 6.74
N ALA A 87 -3.75 -5.34 6.52
CA ALA A 87 -4.77 -4.59 7.22
C ALA A 87 -6.15 -5.19 7.01
N HIS A 88 -6.42 -5.69 5.80
CA HIS A 88 -7.74 -6.20 5.45
C HIS A 88 -7.79 -7.73 5.42
N SER A 89 -6.83 -8.40 6.05
CA SER A 89 -6.69 -9.84 5.87
C SER A 89 -7.92 -10.59 6.40
N VAL A 90 -8.51 -10.13 7.50
CA VAL A 90 -9.63 -10.87 8.10
C VAL A 90 -10.82 -10.88 7.15
N GLN A 91 -11.14 -9.74 6.55
CA GLN A 91 -12.27 -9.70 5.63
C GLN A 91 -11.93 -10.38 4.31
N LEU A 92 -10.70 -10.22 3.82
CA LEU A 92 -10.34 -10.77 2.53
C LEU A 92 -10.45 -12.29 2.51
N ILE A 93 -10.10 -12.94 3.62
CA ILE A 93 -10.15 -14.41 3.68
C ILE A 93 -11.53 -14.94 4.05
N ARG A 94 -12.46 -14.05 4.44
CA ARG A 94 -13.75 -14.52 4.93
C ARG A 94 -14.48 -15.41 3.93
N PRO A 95 -14.63 -15.02 2.65
CA PRO A 95 -15.33 -15.91 1.71
C PRO A 95 -14.53 -17.16 1.40
N ILE A 96 -13.20 -17.11 1.52
CA ILE A 96 -12.40 -18.32 1.32
C ILE A 96 -12.69 -19.34 2.41
N LEU A 97 -12.71 -18.88 3.67
CA LEU A 97 -13.04 -19.80 4.76
C LEU A 97 -14.47 -20.32 4.63
N ALA A 98 -15.39 -19.47 4.18
CA ALA A 98 -16.75 -19.93 3.98
C ALA A 98 -16.81 -21.06 2.96
N TYR A 99 -16.09 -20.91 1.84
CA TYR A 99 -16.07 -21.96 0.84
C TYR A 99 -15.44 -23.23 1.39
N ARG A 100 -14.34 -23.10 2.14
CA ARG A 100 -13.71 -24.28 2.72
C ARG A 100 -14.69 -25.02 3.62
N PHE A 101 -15.50 -24.27 4.38
CA PHE A 101 -16.52 -24.89 5.23
C PHE A 101 -17.43 -25.81 4.43
N LYS A 102 -17.88 -25.35 3.27
CA LYS A 102 -18.77 -26.15 2.43
C LYS A 102 -18.07 -27.29 1.73
N HIS A 103 -16.74 -27.33 1.73
CA HIS A 103 -15.97 -28.34 1.01
C HIS A 103 -14.75 -28.75 1.81
N LEU A 104 -14.96 -29.00 3.10
CA LEU A 104 -13.86 -29.36 3.99
C LEU A 104 -13.13 -30.60 3.48
N ASP A 105 -13.80 -31.44 2.70
CA ASP A 105 -13.20 -32.68 2.24
C ASP A 105 -12.04 -32.42 1.28
N ARG A 106 -12.14 -31.38 0.45
CA ARG A 106 -11.19 -31.20 -0.64
C ARG A 106 -10.45 -29.87 -0.62
N VAL A 107 -10.89 -28.89 0.15
CA VAL A 107 -10.29 -27.56 0.14
C VAL A 107 -9.43 -27.38 1.38
N SER A 108 -8.17 -27.02 1.18
CA SER A 108 -7.27 -26.71 2.26
C SER A 108 -6.52 -25.43 1.95
N ILE A 109 -5.99 -24.80 3.00
CA ILE A 109 -5.20 -23.59 2.87
C ILE A 109 -3.73 -23.99 2.96
N GLN A 110 -3.00 -23.73 1.88
CA GLN A 110 -1.59 -24.12 1.81
C GLN A 110 -0.71 -23.15 2.58
N GLN A 111 -0.90 -21.85 2.38
CA GLN A 111 -0.04 -20.86 2.99
C GLN A 111 -0.61 -19.47 2.71
N LEU A 112 -0.25 -18.53 3.57
CA LEU A 112 -0.57 -17.13 3.38
C LEU A 112 0.71 -16.34 3.14
N ASN A 113 0.65 -15.38 2.21
CA ASN A 113 1.63 -14.32 2.11
C ASN A 113 0.89 -13.01 2.32
N LEU A 114 1.38 -12.21 3.26
CA LEU A 114 0.68 -11.00 3.68
C LEU A 114 1.61 -9.80 3.50
N TYR A 115 1.05 -8.71 2.98
CA TYR A 115 1.81 -7.52 2.63
C TYR A 115 1.16 -6.28 3.19
N ASP A 116 1.98 -5.34 3.65
CA ASP A 116 1.46 -4.10 4.22
C ASP A 116 0.63 -3.32 3.19
N ASN A 117 -0.53 -2.82 3.66
CA ASN A 117 -1.25 -1.79 2.93
C ASN A 117 -0.39 -0.53 2.79
N GLY A 118 0.30 -0.15 3.84
CA GLY A 118 1.16 1.01 3.83
C GLY A 118 1.30 1.61 5.21
N SER A 119 1.04 2.92 5.32
CA SER A 119 1.17 3.56 6.63
C SER A 119 0.11 3.04 7.60
N MET A 120 -1.04 2.57 7.11
CA MET A 120 -2.17 2.34 8.00
C MET A 120 -1.89 1.24 9.02
N GLU A 121 -1.11 0.24 8.66
CA GLU A 121 -0.79 -0.79 9.62
C GLU A 121 0.02 -0.26 10.79
N TYR A 122 0.97 0.60 10.49
CA TYR A 122 1.87 1.11 11.52
C TYR A 122 1.18 2.13 12.39
N VAL A 123 0.34 2.96 11.80
CA VAL A 123 -0.41 3.87 12.58
C VAL A 123 -1.29 3.09 13.54
N ASP A 124 -1.98 2.09 13.01
CA ASP A 124 -2.87 1.33 13.84
C ASP A 124 -2.09 0.69 14.99
N LEU A 125 -0.88 0.25 14.70
CA LEU A 125 -0.09 -0.35 15.78
C LEU A 125 0.30 0.68 16.83
N GLU A 126 0.51 1.94 16.43
CA GLU A 126 0.85 2.98 17.40
C GLU A 126 -0.23 3.11 18.47
N LYS A 127 -1.50 3.05 18.07
CA LYS A 127 -2.59 3.21 19.01
C LYS A 127 -2.64 2.10 20.05
N GLU A 128 -1.85 1.04 19.88
CA GLU A 128 -1.77 -0.04 20.86
C GLU A 128 -0.56 0.11 21.79
N GLU A 129 0.08 1.28 21.78
CA GLU A 129 1.32 1.45 22.52
C GLU A 129 1.15 1.13 24.00
N ASN A 130 -0.04 1.38 24.55
CA ASN A 130 -0.29 1.22 25.97
C ASN A 130 -0.87 -0.14 26.34
N LYS A 131 -0.97 -1.07 25.40
CA LYS A 131 -1.61 -2.35 25.67
C LYS A 131 -0.60 -3.38 26.15
N ASP A 132 -1.12 -4.42 26.78
CA ASP A 132 -0.33 -5.61 27.16
C ASP A 132 -0.28 -6.50 25.92
N ILE A 133 0.71 -6.23 25.06
CA ILE A 133 0.73 -6.85 23.73
C ILE A 133 0.77 -8.37 23.85
N SER A 134 1.51 -8.89 24.83
CA SER A 134 1.58 -10.34 25.01
C SER A 134 0.21 -10.93 25.27
N ALA A 135 -0.62 -10.23 26.04
CA ALA A 135 -1.97 -10.72 26.31
C ALA A 135 -2.87 -10.58 25.08
N GLU A 136 -2.68 -9.50 24.31
CA GLU A 136 -3.51 -9.30 23.12
C GLU A 136 -3.27 -10.41 22.10
N ILE A 137 -2.00 -10.82 21.95
CA ILE A 137 -1.69 -11.90 21.02
C ILE A 137 -2.44 -13.17 21.40
N LYS A 138 -2.36 -13.56 22.68
CA LYS A 138 -3.00 -14.80 23.11
C LYS A 138 -4.51 -14.74 22.90
N GLN A 139 -5.13 -13.61 23.23
CA GLN A 139 -6.57 -13.46 23.01
C GLN A 139 -6.89 -13.50 21.52
N ALA A 140 -6.10 -12.77 20.72
CA ALA A 140 -6.33 -12.77 19.28
C ALA A 140 -6.23 -14.19 18.71
N GLU A 141 -5.22 -14.94 19.13
CA GLU A 141 -5.10 -16.33 18.69
C GLU A 141 -6.36 -17.12 19.05
N LYS A 142 -6.83 -16.95 20.28
CA LYS A 142 -8.03 -17.64 20.73
C LYS A 142 -9.24 -17.23 19.90
N GLN A 143 -9.37 -15.95 19.60
CA GLN A 143 -10.52 -15.50 18.81
C GLN A 143 -10.35 -15.82 17.33
N LEU A 144 -9.12 -15.95 16.85
CA LEU A 144 -8.93 -16.45 15.48
C LEU A 144 -9.37 -17.89 15.36
N SER A 145 -9.14 -18.70 16.40
CA SER A 145 -9.62 -20.08 16.41
C SER A 145 -11.14 -20.12 16.28
N HIS A 146 -11.85 -19.28 17.03
CA HIS A 146 -13.30 -19.22 16.92
C HIS A 146 -13.74 -18.85 15.51
N TYR A 147 -13.06 -17.86 14.91
CA TYR A 147 -13.34 -17.49 13.52
C TYR A 147 -13.21 -18.68 12.61
N LEU A 148 -12.11 -19.43 12.73
CA LEU A 148 -11.86 -20.54 11.82
C LEU A 148 -12.87 -21.67 12.04
N LEU A 149 -13.43 -21.78 13.24
CA LEU A 149 -14.36 -22.87 13.53
C LEU A 149 -15.81 -22.50 13.24
N THR A 150 -16.19 -21.23 13.44
CA THR A 150 -17.57 -20.81 13.27
C THR A 150 -17.82 -19.96 12.03
N GLY A 151 -16.77 -19.40 11.43
CA GLY A 151 -16.94 -18.41 10.39
C GLY A 151 -17.31 -17.03 10.86
N LYS A 152 -17.47 -16.83 12.17
CA LYS A 152 -17.89 -15.55 12.72
C LYS A 152 -16.71 -14.78 13.29
N ILE A 153 -16.70 -13.47 13.03
CA ILE A 153 -15.57 -12.60 13.32
C ILE A 153 -15.88 -11.79 14.56
N LYS A 154 -15.01 -11.90 15.57
CA LYS A 154 -15.13 -11.10 16.78
C LYS A 154 -13.74 -11.03 17.41
N PHE A 155 -13.08 -9.89 17.23
CA PHE A 155 -11.73 -9.69 17.73
C PHE A 155 -11.73 -8.52 18.70
N ASP A 156 -11.28 -8.77 19.94
CA ASP A 156 -11.14 -7.70 20.91
C ASP A 156 -10.08 -6.69 20.46
N ASN A 157 -9.05 -7.15 19.75
CA ASN A 157 -8.00 -6.28 19.22
C ASN A 157 -7.87 -6.57 17.73
N PRO A 158 -8.72 -5.95 16.90
CA PRO A 158 -8.63 -6.19 15.45
C PRO A 158 -7.25 -5.91 14.87
N THR A 159 -6.47 -5.02 15.47
CA THR A 159 -5.15 -4.72 14.94
C THR A 159 -4.18 -5.87 15.18
N ILE A 160 -4.09 -6.34 16.42
CA ILE A 160 -3.18 -7.45 16.70
C ILE A 160 -3.65 -8.71 16.00
N ALA A 161 -4.97 -8.84 15.77
CA ALA A 161 -5.49 -10.02 15.10
C ALA A 161 -4.88 -10.18 13.72
N ARG A 162 -4.42 -9.08 13.11
CA ARG A 162 -3.80 -9.14 11.81
C ARG A 162 -2.48 -9.91 11.80
N TYR A 163 -1.91 -10.19 12.97
CA TYR A 163 -0.56 -10.74 13.05
C TYR A 163 -0.50 -12.11 13.73
N VAL A 164 -1.62 -12.80 13.89
CA VAL A 164 -1.63 -14.09 14.57
C VAL A 164 -1.96 -15.24 13.62
N TRP A 165 -1.84 -15.01 12.30
CA TRP A 165 -2.22 -16.04 11.34
C TRP A 165 -1.33 -17.28 11.45
N GLN A 166 -0.10 -17.12 11.95
CA GLN A 166 0.80 -18.25 12.08
C GLN A 166 0.25 -19.30 13.04
N SER A 167 -0.71 -18.93 13.89
CA SER A 167 -1.33 -19.89 14.78
C SER A 167 -2.27 -20.84 14.04
N ALA A 168 -2.49 -20.63 12.75
CA ALA A 168 -3.45 -21.40 11.96
C ALA A 168 -2.84 -21.94 10.68
N PHE A 169 -1.98 -21.18 10.02
CA PHE A 169 -1.48 -21.52 8.70
C PHE A 169 0.00 -21.20 8.63
N PRO A 170 0.72 -21.82 7.68
CA PRO A 170 2.03 -21.29 7.31
C PRO A 170 1.86 -19.90 6.72
N VAL A 171 2.68 -18.96 7.20
CA VAL A 171 2.53 -17.57 6.80
C VAL A 171 3.91 -16.92 6.63
N LYS A 172 3.97 -15.96 5.71
CA LYS A 172 5.11 -15.08 5.55
C LYS A 172 4.59 -13.65 5.47
N TYR A 173 5.07 -12.79 6.36
CA TYR A 173 4.73 -11.38 6.36
C TYR A 173 5.80 -10.58 5.63
N HIS A 174 5.36 -9.54 4.91
CA HIS A 174 6.24 -8.67 4.15
C HIS A 174 6.00 -7.24 4.63
N PHE A 175 6.92 -6.73 5.43
CA PHE A 175 6.74 -5.42 6.04
C PHE A 175 7.46 -4.24 5.41
N LEU A 176 6.78 -3.12 5.30
CA LEU A 176 7.40 -1.90 4.82
C LEU A 176 8.45 -1.43 5.82
N SER A 177 8.23 -1.74 7.10
CA SER A 177 9.16 -1.33 8.13
C SER A 177 9.48 -2.40 9.13
N THR A 178 10.51 -3.15 8.85
CA THR A 178 10.98 -4.08 9.88
C THR A 178 11.56 -3.33 11.07
N ASP A 179 12.08 -2.12 10.84
CA ASP A 179 12.63 -1.32 11.93
C ASP A 179 11.57 -1.07 13.00
N TYR A 180 10.36 -0.69 12.59
CA TYR A 180 9.30 -0.39 13.55
C TYR A 180 9.12 -1.55 14.53
N PHE A 181 8.99 -2.77 14.01
CA PHE A 181 8.78 -3.92 14.87
C PHE A 181 9.98 -4.18 15.77
N GLU A 182 11.18 -3.79 15.35
CA GLU A 182 12.38 -4.02 16.13
C GLU A 182 12.75 -2.85 17.02
N LYS A 183 12.27 -1.65 16.71
CA LYS A 183 12.59 -0.47 17.53
C LYS A 183 11.51 -0.18 18.56
N ALA A 184 10.24 -0.38 18.22
CA ALA A 184 9.15 -0.05 19.15
C ALA A 184 9.18 -1.02 20.32
N GLU A 185 9.37 -0.48 21.53
CA GLU A 185 9.58 -1.34 22.69
C GLU A 185 8.30 -2.08 23.07
N PHE A 186 7.15 -1.40 23.02
CA PHE A 186 5.90 -2.06 23.37
C PHE A 186 5.59 -3.23 22.46
N LEU A 187 6.30 -3.33 21.33
CA LEU A 187 6.04 -4.38 20.34
C LEU A 187 6.98 -5.55 20.43
N GLN A 188 7.90 -5.50 21.37
CA GLN A 188 8.83 -6.58 21.55
C GLN A 188 8.18 -7.96 21.65
N PRO A 189 7.08 -8.08 22.38
CA PRO A 189 6.48 -9.39 22.39
C PRO A 189 6.04 -9.85 20.99
N LEU A 190 5.48 -8.94 20.21
CA LEU A 190 5.02 -9.27 18.86
C LEU A 190 6.18 -9.62 17.95
N LYS A 191 7.26 -8.89 18.07
CA LYS A 191 8.44 -9.18 17.26
C LYS A 191 8.96 -10.59 17.55
N GLU A 192 9.06 -10.94 18.83
CA GLU A 192 9.53 -12.28 19.19
C GLU A 192 8.51 -13.33 18.77
N TYR A 193 7.22 -13.02 18.91
CA TYR A 193 6.19 -13.96 18.49
C TYR A 193 6.27 -14.26 17.01
N LEU A 194 6.46 -13.24 16.18
CA LEU A 194 6.51 -13.45 14.74
C LEU A 194 7.71 -14.29 14.34
N ALA A 195 8.80 -14.23 15.11
CA ALA A 195 9.95 -15.12 14.95
C ALA A 195 10.47 -15.01 13.52
N GLU A 196 10.52 -16.09 12.74
CA GLU A 196 11.06 -16.07 11.39
C GLU A 196 9.95 -16.06 10.33
N ASN A 197 8.83 -15.40 10.62
CA ASN A 197 7.68 -15.37 9.73
C ASN A 197 7.48 -14.02 9.07
N TYR A 198 8.44 -13.11 9.19
CA TYR A 198 8.35 -11.82 8.51
C TYR A 198 9.68 -11.50 7.85
N GLN A 199 9.57 -10.63 6.88
CA GLN A 199 10.71 -10.22 6.14
C GLN A 199 10.43 -8.84 5.66
N LYS A 200 11.47 -8.15 5.27
CA LYS A 200 11.30 -6.84 4.73
C LYS A 200 10.77 -6.94 3.31
N MET A 201 9.91 -6.03 2.96
CA MET A 201 9.36 -6.02 1.62
C MET A 201 10.44 -6.08 0.55
N ASP A 202 10.25 -6.92 -0.44
CA ASP A 202 11.24 -7.09 -1.49
C ASP A 202 11.18 -5.98 -2.53
N TRP A 203 11.65 -4.80 -2.17
CA TRP A 203 11.69 -3.69 -3.07
C TRP A 203 12.63 -3.85 -4.27
N THR A 204 13.68 -4.65 -4.12
CA THR A 204 14.63 -4.76 -5.21
C THR A 204 14.41 -5.99 -6.07
N ALA A 205 13.27 -6.67 -5.92
CA ALA A 205 13.02 -7.87 -6.73
C ALA A 205 13.03 -7.52 -8.21
N TYR A 206 12.49 -6.36 -8.58
CA TYR A 206 12.48 -5.94 -9.99
C TYR A 206 13.88 -5.99 -10.58
N GLN A 207 14.90 -5.70 -9.77
CA GLN A 207 16.27 -5.69 -10.27
C GLN A 207 16.80 -7.08 -10.59
N GLN A 208 16.22 -8.11 -9.99
CA GLN A 208 16.62 -9.49 -10.27
C GLN A 208 15.83 -10.11 -11.42
N LEU A 209 14.85 -9.39 -11.96
CA LEU A 209 14.04 -9.93 -13.05
C LEU A 209 14.85 -9.97 -14.34
N THR A 210 14.29 -10.67 -15.32
CA THR A 210 14.92 -10.72 -16.61
C THR A 210 14.49 -9.52 -17.34
N PRO A 211 15.31 -9.10 -18.28
CA PRO A 211 14.91 -7.98 -19.09
C PRO A 211 13.49 -8.08 -19.57
N GLU A 212 13.03 -9.21 -20.10
CA GLU A 212 11.66 -9.22 -20.60
C GLU A 212 10.63 -9.26 -19.46
N GLN A 213 10.98 -9.89 -18.35
CA GLN A 213 10.06 -9.87 -17.23
C GLN A 213 9.93 -8.47 -16.63
N GLN A 214 11.00 -7.67 -16.69
CA GLN A 214 10.90 -6.30 -16.23
C GLN A 214 9.89 -5.53 -17.06
N ALA A 215 9.91 -5.71 -18.39
CA ALA A 215 8.91 -5.06 -19.23
C ALA A 215 7.52 -5.62 -18.96
N PHE A 216 7.43 -6.93 -18.74
CA PHE A 216 6.18 -7.54 -18.32
C PHE A 216 5.62 -6.82 -17.10
N TYR A 217 6.45 -6.65 -16.07
CA TYR A 217 5.98 -6.05 -14.82
C TYR A 217 5.51 -4.61 -15.05
N LEU A 218 6.29 -3.82 -15.78
CA LEU A 218 5.90 -2.44 -16.03
C LEU A 218 4.54 -2.35 -16.73
N THR A 219 4.23 -3.32 -17.59
CA THR A 219 2.93 -3.32 -18.24
C THR A 219 1.81 -3.63 -17.26
N LEU A 220 2.06 -4.52 -16.31
CA LEU A 220 1.04 -4.86 -15.32
C LEU A 220 0.69 -3.66 -14.46
N VAL A 221 1.67 -2.83 -14.12
CA VAL A 221 1.47 -1.75 -13.15
C VAL A 221 1.20 -0.41 -13.81
N GLY A 222 1.13 -0.36 -15.14
CA GLY A 222 0.71 0.86 -15.82
C GLY A 222 1.79 1.90 -15.99
N PHE A 223 3.05 1.50 -16.03
CA PHE A 223 4.19 2.41 -16.10
C PHE A 223 4.80 2.31 -17.49
N ASN A 224 4.32 3.14 -18.41
CA ASN A 224 4.76 3.03 -19.79
C ASN A 224 6.12 3.69 -19.99
N ASP A 225 6.67 3.48 -21.19
CA ASP A 225 8.04 3.92 -21.48
C ASP A 225 8.16 5.44 -21.38
N GLU A 226 7.14 6.17 -21.84
CA GLU A 226 7.22 7.62 -21.85
C GLU A 226 7.44 8.16 -20.44
N VAL A 227 6.67 7.66 -19.47
CA VAL A 227 6.85 8.09 -18.09
C VAL A 227 8.24 7.71 -17.60
N LYS A 228 8.68 6.49 -17.91
CA LYS A 228 10.01 6.04 -17.49
C LYS A 228 11.08 7.01 -17.98
N GLN A 229 11.10 7.28 -19.28
CA GLN A 229 12.11 8.20 -19.83
C GLN A 229 12.13 9.51 -19.06
N SER A 230 10.95 10.05 -18.75
CA SER A 230 10.88 11.31 -18.03
C SER A 230 11.64 11.25 -16.71
N LEU A 231 11.48 10.16 -15.96
CA LEU A 231 12.10 10.01 -14.66
C LEU A 231 13.53 9.49 -14.74
N GLU A 232 14.18 9.63 -15.90
CA GLU A 232 15.56 9.18 -16.08
C GLU A 232 16.44 10.26 -16.69
N VAL A 233 15.98 11.52 -16.72
CA VAL A 233 16.83 12.61 -17.17
C VAL A 233 17.96 12.83 -16.18
N GLN A 234 19.11 13.26 -16.69
CA GLN A 234 20.27 13.56 -15.85
C GLN A 234 20.10 14.97 -15.30
N GLN A 235 19.23 15.08 -14.29
CA GLN A 235 18.89 16.37 -13.69
C GLN A 235 18.36 16.12 -12.29
N ALA A 236 18.71 17.00 -11.36
CA ALA A 236 18.13 16.92 -10.03
C ALA A 236 16.61 17.03 -10.15
N LYS A 237 15.92 16.07 -9.54
CA LYS A 237 14.47 15.96 -9.66
C LYS A 237 13.83 16.17 -8.31
N PHE A 238 12.70 16.88 -8.31
CA PHE A 238 11.82 17.01 -7.16
C PHE A 238 10.42 16.61 -7.62
N ILE A 239 9.77 15.72 -6.87
CA ILE A 239 8.41 15.30 -7.17
C ILE A 239 7.48 15.85 -6.11
N PHE A 240 6.49 16.63 -6.53
CA PHE A 240 5.45 17.12 -5.64
C PHE A 240 4.27 16.13 -5.65
N THR A 241 3.88 15.68 -4.46
CA THR A 241 2.83 14.67 -4.33
C THR A 241 1.53 15.33 -3.85
N GLY A 242 0.47 15.08 -4.58
CA GLY A 242 -0.81 15.62 -4.22
C GLY A 242 -1.73 14.71 -3.41
N THR A 243 -2.88 15.23 -3.06
CA THR A 243 -3.84 14.48 -2.27
C THR A 243 -5.27 14.62 -2.77
N THR A 244 -6.23 14.09 -2.03
CA THR A 244 -7.63 14.19 -2.39
C THR A 244 -8.53 14.37 -1.16
N THR A 245 -9.83 14.43 -1.38
CA THR A 245 -10.77 14.57 -0.31
C THR A 245 -12.02 13.80 -0.66
N TRP A 246 -12.64 13.18 0.34
CA TRP A 246 -13.85 12.43 0.12
C TRP A 246 -14.97 13.27 -0.37
N GLU A 247 -15.01 14.52 0.06
CA GLU A 247 -16.13 15.38 -0.27
C GLU A 247 -16.40 15.47 -1.74
N GLY A 248 -17.67 15.56 -2.08
CA GLY A 248 -18.04 15.68 -3.46
C GLY A 248 -18.30 17.13 -3.78
N ASN A 249 -18.63 17.88 -2.75
CA ASN A 249 -18.94 19.27 -2.95
C ASN A 249 -17.92 20.00 -3.80
N THR A 250 -18.32 20.35 -5.01
CA THR A 250 -17.48 21.14 -5.87
C THR A 250 -16.73 22.16 -5.04
N ASP A 251 -17.43 23.11 -4.46
CA ASP A 251 -16.81 24.09 -3.61
C ASP A 251 -15.63 23.56 -2.83
N VAL A 252 -15.84 22.53 -2.02
CA VAL A 252 -14.76 22.04 -1.19
C VAL A 252 -13.61 21.50 -2.00
N ARG A 253 -13.93 20.79 -3.06
CA ARG A 253 -12.87 20.19 -3.86
C ARG A 253 -12.07 21.31 -4.50
N GLU A 254 -12.73 22.41 -4.76
CA GLU A 254 -12.09 23.56 -5.35
C GLU A 254 -11.12 24.18 -4.37
N TYR A 255 -11.49 24.23 -3.10
CA TYR A 255 -10.61 24.75 -2.06
C TYR A 255 -9.37 23.87 -1.92
N TYR A 256 -9.55 22.54 -1.93
CA TYR A 256 -8.41 21.63 -1.88
C TYR A 256 -7.49 21.84 -3.08
N ALA A 257 -8.07 22.06 -4.25
CA ALA A 257 -7.27 22.29 -5.44
C ALA A 257 -6.50 23.61 -5.33
N GLN A 258 -7.19 24.69 -4.94
CA GLN A 258 -6.52 25.99 -4.80
C GLN A 258 -5.42 25.92 -3.76
N GLN A 259 -5.63 25.18 -2.68
CA GLN A 259 -4.65 25.11 -1.59
C GLN A 259 -3.47 24.22 -1.93
N GLN A 260 -3.68 23.19 -2.74
CA GLN A 260 -2.55 22.36 -3.15
C GLN A 260 -1.66 23.12 -4.14
N LEU A 261 -2.27 23.97 -4.97
CA LEU A 261 -1.46 24.82 -5.85
C LEU A 261 -0.60 25.76 -5.02
N ASN A 262 -1.19 26.36 -3.99
CA ASN A 262 -0.43 27.21 -3.09
C ASN A 262 0.71 26.44 -2.43
N LEU A 263 0.46 25.19 -2.03
CA LEU A 263 1.54 24.40 -1.42
C LEU A 263 2.66 24.14 -2.42
N LEU A 264 2.30 23.79 -3.66
CA LEU A 264 3.30 23.65 -4.71
C LEU A 264 4.17 24.90 -4.79
N ASN A 265 3.54 26.08 -4.75
CA ASN A 265 4.29 27.32 -4.88
C ASN A 265 5.23 27.55 -3.70
N HIS A 266 4.86 27.08 -2.51
CA HIS A 266 5.76 27.20 -1.37
C HIS A 266 7.02 26.36 -1.58
N PHE A 267 6.93 25.27 -2.35
CA PHE A 267 8.11 24.48 -2.65
C PHE A 267 8.96 25.13 -3.73
N THR A 268 8.33 25.63 -4.79
CA THR A 268 9.03 25.97 -6.02
C THR A 268 9.34 27.45 -6.18
N GLN A 269 8.68 28.34 -5.44
CA GLN A 269 8.86 29.77 -5.59
C GLN A 269 9.81 30.32 -4.53
N ALA A 270 10.64 31.29 -4.92
CA ALA A 270 11.70 31.77 -4.05
C ALA A 270 11.14 32.35 -2.75
N GLU A 271 10.00 33.03 -2.81
CA GLU A 271 9.40 33.59 -1.61
C GLU A 271 8.75 32.54 -0.73
N GLY A 272 8.75 31.27 -1.14
CA GLY A 272 8.04 30.25 -0.41
C GLY A 272 8.77 29.78 0.84
N ASP A 273 7.97 29.43 1.86
CA ASP A 273 8.53 28.94 3.12
C ASP A 273 9.25 27.62 2.95
N LEU A 274 8.95 26.85 1.90
CA LEU A 274 9.51 25.53 1.68
C LEU A 274 10.43 25.50 0.45
N PHE A 275 10.97 26.64 0.06
CA PHE A 275 11.66 26.75 -1.21
C PHE A 275 12.86 25.82 -1.26
N ILE A 276 12.91 24.98 -2.31
CA ILE A 276 13.94 23.96 -2.44
C ILE A 276 15.14 24.42 -3.24
N GLY A 277 15.12 25.64 -3.78
CA GLY A 277 16.20 26.15 -4.60
C GLY A 277 15.89 26.09 -6.08
N ASP A 278 16.81 26.62 -6.86
CA ASP A 278 16.61 26.78 -8.30
C ASP A 278 17.10 25.59 -9.12
N HIS A 279 17.65 24.56 -8.48
CA HIS A 279 18.34 23.52 -9.22
C HIS A 279 17.62 22.18 -9.16
N TYR A 280 16.33 22.18 -9.48
CA TYR A 280 15.56 20.94 -9.57
C TYR A 280 14.58 21.01 -10.72
N LYS A 281 14.45 19.91 -11.44
CA LYS A 281 13.33 19.73 -12.36
C LYS A 281 12.13 19.27 -11.54
N ILE A 282 10.97 19.89 -11.78
CA ILE A 282 9.79 19.69 -10.95
C ILE A 282 8.82 18.74 -11.66
N TYR A 283 8.36 17.72 -10.94
CA TYR A 283 7.31 16.82 -11.38
C TYR A 283 6.12 16.91 -10.46
N PHE A 284 4.94 16.66 -11.00
CA PHE A 284 3.71 16.56 -10.23
C PHE A 284 3.20 15.11 -10.26
N LYS A 285 2.84 14.59 -9.10
CA LYS A 285 2.26 13.26 -8.96
C LYS A 285 0.94 13.44 -8.23
N GLY A 286 -0.15 13.55 -8.98
CA GLY A 286 -1.45 13.74 -8.38
C GLY A 286 -1.92 12.50 -7.66
N HIS A 287 -2.96 12.68 -6.85
CA HIS A 287 -3.58 11.56 -6.17
C HIS A 287 -4.46 10.80 -7.15
N PRO A 288 -4.39 9.46 -7.18
CA PRO A 288 -5.22 8.71 -8.15
C PRO A 288 -6.68 9.13 -8.18
N ARG A 289 -7.24 9.57 -7.05
CA ARG A 289 -8.62 9.99 -6.98
C ARG A 289 -8.77 11.52 -6.96
N GLY A 290 -7.72 12.24 -7.36
CA GLY A 290 -7.78 13.69 -7.33
C GLY A 290 -8.78 14.26 -8.31
N GLY A 291 -8.88 13.66 -9.49
CA GLY A 291 -9.83 14.17 -10.47
C GLY A 291 -9.53 15.62 -10.82
N GLU A 292 -10.54 16.48 -10.67
CA GLU A 292 -10.37 17.89 -11.03
C GLU A 292 -9.25 18.54 -10.22
N ILE A 293 -9.01 18.04 -9.00
CA ILE A 293 -7.91 18.56 -8.18
C ILE A 293 -6.60 18.45 -8.93
N ASN A 294 -6.37 17.31 -9.60
CA ASN A 294 -5.14 17.14 -10.36
C ASN A 294 -5.10 18.06 -11.57
N ASP A 295 -6.22 18.18 -12.29
CA ASP A 295 -6.26 19.05 -13.46
C ASP A 295 -5.96 20.50 -13.06
N TYR A 296 -6.39 20.90 -11.86
CA TYR A 296 -6.16 22.28 -11.41
C TYR A 296 -4.66 22.58 -11.33
N ILE A 297 -3.89 21.63 -10.85
CA ILE A 297 -2.46 21.83 -10.78
C ILE A 297 -1.85 21.98 -12.18
N LEU A 298 -2.13 21.03 -13.05
CA LEU A 298 -1.52 21.07 -14.37
C LEU A 298 -1.98 22.28 -15.16
N ASN A 299 -3.23 22.71 -14.97
CA ASN A 299 -3.76 23.83 -15.75
C ASN A 299 -3.21 25.16 -15.25
N ASN A 300 -2.81 25.25 -13.98
CA ASN A 300 -2.47 26.52 -13.36
C ASN A 300 -1.02 26.63 -12.89
N ALA A 301 -0.26 25.55 -12.92
CA ALA A 301 1.16 25.61 -12.61
C ALA A 301 1.97 25.83 -13.89
N LYS A 302 3.29 25.92 -13.73
CA LYS A 302 4.16 26.02 -14.90
C LYS A 302 5.49 25.34 -14.59
N ASN A 303 6.18 24.94 -15.66
CA ASN A 303 7.48 24.30 -15.56
C ASN A 303 7.40 23.04 -14.70
N ILE A 304 6.30 22.30 -14.83
CA ILE A 304 6.14 21.04 -14.13
C ILE A 304 5.91 19.93 -15.15
N THR A 305 6.44 18.75 -14.86
CA THR A 305 6.26 17.56 -15.67
C THR A 305 5.32 16.61 -14.92
N ASN A 306 4.25 16.21 -15.58
CA ASN A 306 3.24 15.38 -14.94
C ASN A 306 3.64 13.92 -14.96
N ILE A 307 3.34 13.21 -13.87
CA ILE A 307 3.41 11.77 -13.78
C ILE A 307 1.96 11.26 -13.65
N PRO A 308 1.46 10.48 -14.62
CA PRO A 308 0.04 10.10 -14.59
C PRO A 308 -0.47 9.71 -13.21
N ALA A 309 -1.60 10.29 -12.81
CA ALA A 309 -2.05 10.21 -11.42
C ALA A 309 -2.55 8.82 -11.03
N ASN A 310 -2.97 7.99 -11.99
CA ASN A 310 -3.47 6.67 -11.60
C ASN A 310 -2.37 5.65 -11.36
N ILE A 311 -1.12 5.98 -11.68
CA ILE A 311 -0.01 5.12 -11.28
C ILE A 311 0.15 5.19 -9.77
N SER A 312 0.26 4.03 -9.12
CA SER A 312 0.60 3.98 -7.71
C SER A 312 2.03 4.48 -7.50
N PHE A 313 2.19 5.46 -6.61
CA PHE A 313 3.50 6.07 -6.43
C PHE A 313 4.55 5.04 -6.05
N GLU A 314 4.17 4.03 -5.26
CA GLU A 314 5.13 3.06 -4.75
C GLU A 314 5.78 2.25 -5.87
N VAL A 315 5.25 2.32 -7.10
CA VAL A 315 5.95 1.69 -8.23
C VAL A 315 7.38 2.20 -8.31
N LEU A 316 7.58 3.51 -8.10
CA LEU A 316 8.92 4.08 -8.22
C LEU A 316 9.88 3.47 -7.21
N MET A 317 9.37 3.00 -6.08
CA MET A 317 10.21 2.25 -5.15
C MET A 317 10.49 0.85 -5.67
N MET A 318 9.49 0.19 -6.23
CA MET A 318 9.68 -1.17 -6.75
C MET A 318 10.55 -1.21 -7.98
N THR A 319 10.75 -0.07 -8.63
CA THR A 319 11.46 -0.03 -9.89
C THR A 319 12.77 0.73 -9.85
N GLY A 320 13.09 1.37 -8.73
CA GLY A 320 14.34 2.12 -8.64
C GLY A 320 14.35 3.40 -9.45
N LEU A 321 13.23 4.14 -9.45
CA LEU A 321 13.11 5.38 -10.20
C LEU A 321 12.77 6.56 -9.29
N LEU A 322 13.01 6.43 -7.99
CA LEU A 322 12.68 7.51 -7.07
C LEU A 322 13.50 8.76 -7.40
N PRO A 323 12.95 9.94 -7.10
CA PRO A 323 13.66 11.19 -7.38
C PRO A 323 14.71 11.48 -6.31
N ASP A 324 15.35 12.65 -6.44
CA ASP A 324 16.23 13.13 -5.40
C ASP A 324 15.45 13.67 -4.22
N LYS A 325 14.29 14.30 -4.47
CA LYS A 325 13.49 14.90 -3.42
C LYS A 325 12.01 14.68 -3.70
N VAL A 326 11.25 14.46 -2.63
CA VAL A 326 9.81 14.32 -2.68
C VAL A 326 9.23 15.24 -1.60
N GLY A 327 8.13 15.90 -1.93
CA GLY A 327 7.47 16.78 -0.99
C GLY A 327 6.01 16.90 -1.35
N GLY A 328 5.19 17.15 -0.34
CA GLY A 328 3.77 17.31 -0.55
C GLY A 328 3.00 16.89 0.68
N VAL A 329 1.72 16.62 0.46
CA VAL A 329 0.79 16.30 1.54
C VAL A 329 1.02 14.89 2.01
N ALA A 330 0.83 14.67 3.31
CA ALA A 330 1.11 13.38 3.91
C ALA A 330 0.33 12.28 3.21
N SER A 331 1.02 11.20 2.89
CA SER A 331 0.40 10.08 2.20
C SER A 331 1.08 8.80 2.67
N SER A 332 0.37 7.69 2.51
CA SER A 332 0.99 6.40 2.78
C SER A 332 2.31 6.26 2.07
N LEU A 333 2.46 6.88 0.90
CA LEU A 333 3.65 6.66 0.08
C LEU A 333 4.93 7.13 0.77
N TYR A 334 4.83 7.96 1.79
CA TYR A 334 6.03 8.46 2.46
C TYR A 334 6.68 7.46 3.41
N PHE A 335 5.92 6.49 3.88
CA PHE A 335 6.45 5.52 4.85
C PHE A 335 7.48 4.66 4.20
N SER A 336 7.42 4.57 2.89
CA SER A 336 8.32 3.73 2.16
C SER A 336 9.51 4.45 1.53
N LEU A 337 9.74 5.71 1.87
CA LEU A 337 10.83 6.44 1.19
C LEU A 337 12.08 6.63 2.02
N PRO A 338 13.23 6.70 1.36
CA PRO A 338 14.49 6.94 2.07
C PRO A 338 14.50 8.29 2.79
N LYS A 339 15.14 8.41 3.94
CA LYS A 339 15.06 9.63 4.73
C LYS A 339 15.68 10.82 3.99
N GLU A 340 16.78 10.61 3.28
CA GLU A 340 17.46 11.73 2.64
C GLU A 340 16.68 12.30 1.46
N LYS A 341 15.69 11.58 1.00
CA LYS A 341 14.89 12.05 -0.13
C LYS A 341 13.65 12.88 0.27
N ILE A 342 13.43 13.12 1.55
CA ILE A 342 12.28 13.87 1.98
C ILE A 342 12.58 15.34 2.18
N SER A 343 11.76 16.18 1.57
CA SER A 343 11.93 17.60 1.73
C SER A 343 11.07 18.00 2.88
N HIS A 344 9.76 18.08 2.67
CA HIS A 344 8.83 18.39 3.72
C HIS A 344 7.52 17.63 3.49
N ILE A 345 6.85 17.24 4.57
CA ILE A 345 5.59 16.54 4.47
C ILE A 345 4.55 17.40 5.12
N ILE A 346 3.46 17.66 4.43
CA ILE A 346 2.44 18.57 4.94
C ILE A 346 1.19 17.87 5.41
N PHE A 347 0.59 18.40 6.47
CA PHE A 347 -0.56 17.77 7.04
C PHE A 347 -1.81 18.60 6.95
N THR A 348 -2.91 17.93 6.67
CA THR A 348 -4.18 18.60 6.50
C THR A 348 -4.98 18.62 7.77
N SER A 349 -5.77 19.67 7.96
CA SER A 349 -6.59 19.79 9.15
C SER A 349 -7.79 18.88 9.14
N ASN A 350 -8.02 18.19 10.25
CA ASN A 350 -9.21 17.36 10.37
C ASN A 350 -9.66 17.23 11.82
N LYS A 351 -10.24 16.11 12.16
CA LYS A 351 -10.73 15.85 13.50
C LYS A 351 -9.68 15.90 14.54
N GLN A 352 -8.62 15.17 14.30
CA GLN A 352 -7.60 15.06 15.29
C GLN A 352 -6.59 16.18 15.20
N VAL A 353 -6.39 16.73 14.01
CA VAL A 353 -5.37 17.76 13.84
C VAL A 353 -5.93 19.13 13.48
N LYS A 354 -5.76 20.08 14.39
CA LYS A 354 -6.21 21.46 14.13
C LYS A 354 -5.01 22.35 14.22
N SER A 355 -3.87 21.76 14.48
CA SER A 355 -2.65 22.50 14.52
C SER A 355 -1.58 21.53 14.19
N LYS A 356 -0.35 21.96 14.15
CA LYS A 356 0.72 21.03 13.99
C LYS A 356 0.53 20.51 15.38
N ASP A 358 -0.33 19.50 15.55
CA ASP A 358 -0.77 19.05 16.87
C ASP A 358 0.31 18.51 17.70
N ALA A 359 1.35 19.27 17.81
CA ALA A 359 2.44 18.85 18.64
C ALA A 359 2.91 17.53 18.11
N LEU A 360 2.42 17.14 16.95
CA LEU A 360 2.86 15.92 16.32
C LEU A 360 2.40 14.80 17.20
N ASN A 361 1.25 14.97 17.81
CA ASN A 361 0.75 13.99 18.73
C ASN A 361 -0.06 12.92 18.07
N ASN A 362 0.01 12.83 16.75
N ASN A 362 0.02 12.83 16.75
CA ASN A 362 -0.69 11.77 16.05
CA ASN A 362 -0.69 11.78 16.04
C ASN A 362 0.21 10.60 15.70
C ASN A 362 0.20 10.61 15.71
N PRO A 363 -0.41 9.44 15.44
CA PRO A 363 0.43 8.27 15.20
C PRO A 363 1.33 8.37 13.97
N TYR A 364 0.85 8.94 12.90
CA TYR A 364 1.63 9.00 11.67
C TYR A 364 3.01 9.61 11.86
N VAL A 365 3.05 10.81 12.40
CA VAL A 365 4.32 11.48 12.64
C VAL A 365 5.11 10.73 13.67
N LYS A 366 4.42 10.30 14.70
CA LYS A 366 5.08 9.57 15.72
C LYS A 366 5.81 8.34 15.19
N VAL A 367 5.19 7.62 14.25
CA VAL A 367 5.83 6.46 13.70
C VAL A 367 7.05 6.91 12.95
N MET A 368 6.87 7.92 12.12
CA MET A 368 7.96 8.38 11.30
C MET A 368 9.12 8.92 12.11
N ARG A 369 8.81 9.58 13.19
CA ARG A 369 9.84 10.11 14.04
C ARG A 369 10.53 8.97 14.78
N ARG A 370 9.74 8.00 15.22
CA ARG A 370 10.28 6.85 15.89
C ARG A 370 11.25 6.17 14.99
N LEU A 371 10.94 6.11 13.71
CA LEU A 371 11.80 5.43 12.77
C LEU A 371 12.87 6.35 12.23
N GLY A 372 12.82 7.63 12.57
CA GLY A 372 13.82 8.58 12.12
C GLY A 372 13.73 9.01 10.66
N ILE A 373 12.60 8.79 10.04
CA ILE A 373 12.41 9.15 8.66
C ILE A 373 12.30 10.65 8.52
N ILE A 374 11.73 11.27 9.54
CA ILE A 374 11.55 12.70 9.50
C ILE A 374 11.82 13.35 10.84
N ASP A 375 12.26 14.60 10.82
CA ASP A 375 12.42 15.33 12.07
C ASP A 375 11.32 16.35 12.13
N GLU A 376 11.20 17.01 13.26
CA GLU A 376 10.15 17.99 13.47
C GLU A 376 10.16 19.10 12.44
N SER A 377 11.35 19.49 11.99
CA SER A 377 11.48 20.59 11.06
C SER A 377 10.92 20.26 9.68
N GLN A 378 10.70 18.99 9.43
CA GLN A 378 10.10 18.58 8.16
C GLN A 378 8.57 18.41 8.20
N VAL A 379 7.95 18.58 9.36
CA VAL A 379 6.50 18.49 9.47
C VAL A 379 5.88 19.85 9.33
N ILE A 380 4.94 19.97 8.42
CA ILE A 380 4.26 21.24 8.21
C ILE A 380 2.74 21.12 8.28
N PHE A 381 2.09 22.02 9.00
CA PHE A 381 0.63 22.05 9.06
C PHE A 381 0.16 22.91 7.91
N TRP A 382 -0.83 22.44 7.16
CA TRP A 382 -1.20 23.09 5.90
C TRP A 382 -1.70 24.52 6.12
N ASP A 383 -2.54 24.72 7.14
CA ASP A 383 -3.16 26.04 7.32
C ASP A 383 -2.16 27.10 7.74
N SER A 384 -1.00 26.72 8.23
CA SER A 384 0.00 27.70 8.66
C SER A 384 0.75 28.31 7.49
N LEU A 385 0.46 27.88 6.26
CA LEU A 385 1.20 28.35 5.09
C LEU A 385 0.52 29.59 4.50
N LYS A 386 1.31 30.64 4.31
CA LYS A 386 0.81 31.88 3.75
C LYS A 386 0.29 31.66 2.33
N GLN A 387 -0.74 32.44 1.98
CA GLN A 387 -1.24 32.42 0.62
C GLN A 387 -0.29 33.23 -0.27
N LEU A 388 0.34 32.55 -1.23
CA LEU A 388 1.23 33.20 -2.17
C LEU A 388 0.49 33.47 -3.49
O3P C5P B . -2.64 9.68 0.40
P C5P B . -3.06 8.17 0.72
O1P C5P B . -2.34 7.72 2.09
O2P C5P B . -4.53 8.08 0.62
O5' C5P B . -2.44 7.23 -0.41
C5' C5P B . -3.12 6.07 -0.87
C4' C5P B . -2.40 5.49 -2.07
O4' C5P B . -2.61 6.41 -3.15
C3' C5P B . -0.90 5.54 -1.88
O3' C5P B . -0.45 4.37 -1.22
C2' C5P B . -0.41 5.57 -3.33
O2' C5P B . -0.51 4.26 -3.86
C1' C5P B . -1.50 6.39 -4.00
N1 C5P B . -1.06 7.81 -4.15
C2 C5P B . -0.25 8.12 -5.25
N3 C5P B . 0.15 9.41 -5.41
C4 C5P B . -0.23 10.36 -4.54
C5 C5P B . -1.06 10.07 -3.42
C6 C5P B . -1.46 8.78 -3.27
O2 C5P B . 0.08 7.23 -6.02
N4 C5P B . 0.19 11.62 -4.75
C TRS C . -2.61 12.80 10.75
C1 TRS C . -1.36 13.59 11.05
C2 TRS C . -2.38 11.84 9.60
C3 TRS C . -3.77 13.70 10.42
N TRS C . -2.93 12.05 11.94
O1 TRS C . -1.45 14.08 12.39
O2 TRS C . -1.45 10.82 10.00
O3 TRS C . -4.91 13.35 11.21
H11 TRS C . -1.28 14.43 10.35
H12 TRS C . -0.48 12.96 10.94
H21 TRS C . -1.98 12.39 8.75
H22 TRS C . -3.33 11.39 9.31
H31 TRS C . -3.49 14.75 10.62
H32 TRS C . -4.01 13.62 9.36
HN1 TRS C . -3.47 12.65 12.58
HN2 TRS C . -2.06 11.74 12.41
HN3 TRS C . -3.49 11.23 11.69
HO1 TRS C . -2.25 14.60 12.49
HO2 TRS C . -1.91 10.14 10.51
HO3 TRS C . -5.26 12.50 10.90
C1 PGE D . -6.40 22.66 3.37
O1 PGE D . -7.83 22.64 3.53
C2 PGE D . -5.92 24.03 2.92
O2 PGE D . -6.16 25.00 3.95
C3 PGE D . -5.21 26.06 3.90
C4 PGE D . -5.90 27.39 4.08
O4 PGE D . -7.51 28.45 7.95
C6 PGE D . -7.86 28.97 6.67
C5 PGE D . -6.68 28.81 5.73
O3 PGE D . -6.57 27.45 5.33
C1 PGE E . -10.30 23.14 5.38
O1 PGE E . -9.96 21.76 5.22
C2 PGE E . -11.64 23.27 6.07
O2 PGE E . -12.68 23.29 5.09
C3 PGE E . -13.10 24.63 4.82
C4 PGE E . -13.59 24.71 3.38
O3 PGE E . -13.84 26.07 3.04
#